data_6B77
#
_entry.id   6B77
#
_cell.length_a   79.402
_cell.length_b   79.402
_cell.length_c   122.246
_cell.angle_alpha   90.00
_cell.angle_beta   90.00
_cell.angle_gamma   90.00
#
_symmetry.space_group_name_H-M   'I 41'
#
loop_
_entity.id
_entity.type
_entity.pdbx_description
1 polymer 'Coagulation factor XII'
2 polymer 'Coagulation factor XII'
3 branched 2-acetamido-2-deoxy-beta-D-glucopyranose-(1-4)-2-acetamido-2-deoxy-beta-D-glucopyranose
4 non-polymer '[3-(1-aminoisoquinolin-6-yl)phenyl]boronic acid'
5 non-polymer 'IODIDE ION'
6 non-polymer 'SULFATE ION'
7 non-polymer GLYCEROL
8 water water
#
loop_
_entity_poly.entity_id
_entity_poly.type
_entity_poly.pdbx_seq_one_letter_code
_entity_poly.pdbx_strand_id
1 'polypeptide(L)' NGPLSCGQR A
2 'polypeptide(L)'
;VVGGLVALRGAHPYIAALYWGHSFCAGSLIAPCWVLTAAHCLQDRPAPEDLTVVLGQERRNHSCEPCQTLAVRSYRLHEA
FSPVSYQHDLALLRLQEDADGSCALLSPYVQPVCLPSGAARPSETTLCQVAGWGHQFEGAEEYASFLQEAQVPFLSLERC
SAPDVHGSSILPGMLCAGFLEGGTDACQGDSGGPLVCEDQAAERRLTLQGIISWGSGCGDRNKPGVYTDVAYYLAWIREH
TVS
;
B
#
loop_
_chem_comp.id
_chem_comp.type
_chem_comp.name
_chem_comp.formula
CWV non-polymer '[3-(1-aminoisoquinolin-6-yl)phenyl]boronic acid' 'C15 H13 B N2 O2'
GOL non-polymer GLYCEROL 'C3 H8 O3'
IOD non-polymer 'IODIDE ION' 'I -1'
NAG D-saccharide, beta linking 2-acetamido-2-deoxy-beta-D-glucopyranose 'C8 H15 N O6'
SO4 non-polymer 'SULFATE ION' 'O4 S -2'
#
# COMPACT_ATOMS: atom_id res chain seq x y z
N ASN A 1 22.81 -0.41 -15.68
CA ASN A 1 22.01 -1.18 -16.66
C ASN A 1 20.80 -0.36 -17.03
N GLY A 2 20.57 0.67 -16.22
CA GLY A 2 19.42 1.54 -16.41
C GLY A 2 18.19 0.93 -15.79
N PRO A 3 17.15 1.73 -15.62
CA PRO A 3 15.92 1.21 -15.02
C PRO A 3 15.29 0.17 -15.92
N LEU A 4 14.56 -0.74 -15.31
CA LEU A 4 13.69 -1.64 -16.04
C LEU A 4 12.35 -0.91 -16.22
N SER A 5 11.84 -0.91 -17.44
CA SER A 5 10.70 -0.10 -17.82
C SER A 5 9.44 -0.54 -17.05
N CYS A 6 8.58 0.42 -16.69
CA CYS A 6 7.29 0.10 -16.08
C CYS A 6 6.15 0.01 -17.11
N GLY A 7 6.44 -0.31 -18.36
CA GLY A 7 5.45 -0.23 -19.41
C GLY A 7 4.86 -1.58 -19.76
N GLN A 8 3.67 -1.55 -20.36
CA GLN A 8 3.15 -2.76 -20.99
C GLN A 8 4.13 -3.25 -22.05
N ARG A 9 4.53 -4.52 -21.96
CA ARG A 9 5.53 -5.10 -22.87
C ARG A 9 4.91 -5.37 -24.25
N VAL B 1 0.25 -8.35 9.21
CA VAL B 1 -0.49 -9.26 8.33
C VAL B 1 -0.56 -10.66 8.97
N VAL B 2 -1.58 -11.41 8.62
CA VAL B 2 -1.83 -12.70 9.25
C VAL B 2 -1.67 -13.78 8.19
N GLY B 3 -1.02 -14.87 8.57
CA GLY B 3 -0.79 -15.93 7.64
C GLY B 3 0.37 -15.69 6.70
N GLY B 4 1.29 -14.80 7.04
CA GLY B 4 2.43 -14.54 6.17
C GLY B 4 3.74 -14.85 6.84
N LEU B 5 4.85 -14.52 6.20
CA LEU B 5 6.17 -14.76 6.75
C LEU B 5 7.06 -13.53 6.58
N VAL B 6 8.14 -13.47 7.33
CA VAL B 6 9.04 -12.33 7.26
C VAL B 6 9.57 -12.18 5.83
N ALA B 7 9.53 -10.95 5.33
CA ALA B 7 10.00 -10.65 3.98
C ALA B 7 11.52 -10.46 3.91
N LEU B 8 12.10 -10.84 2.77
CA LEU B 8 13.53 -10.69 2.56
C LEU B 8 13.89 -9.21 2.51
N ARG B 9 15.09 -8.89 2.99
CA ARG B 9 15.58 -7.52 3.07
C ARG B 9 15.47 -6.76 1.74
N GLY B 10 15.76 -7.44 0.63
CA GLY B 10 15.68 -6.83 -0.68
C GLY B 10 14.32 -7.02 -1.33
N ALA B 11 13.46 -7.76 -0.64
CA ALA B 11 12.11 -8.08 -1.10
C ALA B 11 11.14 -6.90 -1.26
N HIS B 12 11.31 -5.87 -0.45
CA HIS B 12 10.39 -4.73 -0.50
C HIS B 12 11.06 -3.35 -0.58
N PRO B 13 11.67 -3.04 -1.73
CA PRO B 13 12.32 -1.73 -1.90
C PRO B 13 11.31 -0.56 -1.87
N TYR B 14 10.16 -0.79 -2.49
CA TYR B 14 9.09 0.19 -2.60
C TYR B 14 8.39 0.64 -1.30
N ILE B 15 8.20 -0.27 -0.36
CA ILE B 15 7.49 0.05 0.87
C ILE B 15 8.13 1.15 1.71
N ALA B 16 7.27 2.00 2.27
CA ALA B 16 7.70 3.12 3.09
C ALA B 16 6.98 3.16 4.43
N ALA B 17 7.70 3.58 5.47
CA ALA B 17 7.15 3.69 6.80
C ALA B 17 6.91 5.16 7.13
N LEU B 18 5.79 5.43 7.80
CA LEU B 18 5.32 6.77 8.05
C LEU B 18 5.05 6.91 9.54
N TYR B 19 5.72 7.89 10.18
CA TYR B 19 5.65 8.09 11.63
C TYR B 19 5.28 9.53 11.94
N TRP B 20 4.39 9.69 12.91
CA TRP B 20 4.08 11.02 13.40
C TRP B 20 3.37 10.87 14.73
N GLY B 21 3.67 11.75 15.67
CA GLY B 21 3.07 11.69 16.99
C GLY B 21 3.13 10.30 17.60
N HIS B 22 1.96 9.70 17.83
CA HIS B 22 1.83 8.34 18.31
C HIS B 22 1.43 7.36 17.21
N SER B 23 1.38 7.81 15.97
CA SER B 23 0.75 7.08 14.88
C SER B 23 1.78 6.42 13.98
N PHE B 24 1.31 5.45 13.20
CA PHE B 24 2.15 4.82 12.20
C PHE B 24 1.25 4.38 11.05
N CYS B 25 1.83 4.35 9.86
CA CYS B 25 1.16 3.86 8.67
C CYS B 25 2.25 3.44 7.72
N ALA B 26 1.86 2.71 6.69
CA ALA B 26 2.81 2.40 5.62
C ALA B 26 2.35 3.10 4.34
N GLY B 27 3.15 3.00 3.29
CA GLY B 27 2.80 3.55 2.00
C GLY B 27 3.73 2.98 0.96
N SER B 28 3.60 3.46 -0.27
CA SER B 28 4.46 2.93 -1.34
C SER B 28 5.13 4.09 -2.07
N LEU B 29 6.43 3.97 -2.28
CA LEU B 29 7.18 4.86 -3.17
C LEU B 29 6.75 4.56 -4.61
N ILE B 30 6.02 5.49 -5.24
CA ILE B 30 5.62 5.33 -6.65
C ILE B 30 6.43 6.21 -7.60
N ALA B 31 7.18 7.18 -7.07
CA ALA B 31 8.22 7.92 -7.77
C ALA B 31 9.19 8.42 -6.71
N PRO B 32 10.39 8.85 -7.12
CA PRO B 32 11.39 9.28 -6.12
C PRO B 32 10.93 10.36 -5.16
N CYS B 33 10.06 11.27 -5.57
CA CYS B 33 9.56 12.30 -4.64
C CYS B 33 8.11 12.05 -4.18
N TRP B 34 7.53 10.86 -4.37
CA TRP B 34 6.09 10.68 -4.10
C TRP B 34 5.79 9.37 -3.41
N VAL B 35 5.04 9.43 -2.31
CA VAL B 35 4.53 8.23 -1.63
C VAL B 35 3.01 8.17 -1.78
N LEU B 36 2.47 6.99 -2.07
CA LEU B 36 1.03 6.79 -2.11
C LEU B 36 0.62 6.03 -0.86
N THR B 37 -0.31 6.60 -0.09
CA THR B 37 -0.84 5.94 1.09
C THR B 37 -2.36 5.87 1.09
N ALA B 38 -2.93 5.49 2.25
CA ALA B 38 -4.35 5.57 2.47
C ALA B 38 -4.72 6.92 3.08
N ALA B 39 -5.79 7.52 2.57
CA ALA B 39 -6.27 8.75 3.21
C ALA B 39 -6.67 8.53 4.69
N HIS B 40 -7.26 7.39 5.06
CA HIS B 40 -7.75 7.25 6.43
C HIS B 40 -6.60 7.33 7.43
N CYS B 41 -5.37 7.07 7.00
CA CYS B 41 -4.22 7.27 7.87
C CYS B 41 -4.10 8.72 8.35
N LEU B 42 -4.38 9.68 7.45
CA LEU B 42 -4.20 11.10 7.66
C LEU B 42 -5.53 11.78 7.87
N GLN B 43 -6.54 10.99 8.19
CA GLN B 43 -7.86 11.53 8.47
C GLN B 43 -7.80 12.74 9.41
N ASP B 44 -7.02 12.64 10.49
CA ASP B 44 -6.97 13.69 11.48
C ASP B 44 -6.14 14.89 11.04
N ARG B 45 -5.58 14.88 9.82
CA ARG B 45 -4.90 16.03 9.25
C ARG B 45 -3.76 16.53 10.12
N PRO B 46 -2.72 15.73 10.38
CA PRO B 46 -1.51 16.26 11.00
C PRO B 46 -0.70 17.17 10.07
N ALA B 47 0.15 17.97 10.68
CA ALA B 47 0.96 18.92 9.93
C ALA B 47 2.11 18.21 9.22
N PRO B 48 2.35 18.51 7.95
CA PRO B 48 3.50 17.91 7.25
C PRO B 48 4.77 17.91 8.09
N GLU B 49 5.04 19.01 8.81
CA GLU B 49 6.23 19.15 9.64
C GLU B 49 6.36 18.01 10.65
N ASP B 50 5.24 17.49 11.17
CA ASP B 50 5.31 16.41 12.17
C ASP B 50 5.48 15.04 11.55
N LEU B 51 5.36 14.94 10.23
CA LEU B 51 5.43 13.66 9.54
C LEU B 51 6.88 13.31 9.26
N THR B 52 7.22 12.05 9.53
CA THR B 52 8.53 11.52 9.18
C THR B 52 8.31 10.30 8.31
N VAL B 53 8.98 10.26 7.15
CA VAL B 53 8.91 9.12 6.24
C VAL B 53 10.27 8.45 6.27
N VAL B 54 10.26 7.13 6.37
CA VAL B 54 11.47 6.34 6.37
C VAL B 54 11.37 5.29 5.27
N LEU B 55 12.34 5.30 4.37
CA LEU B 55 12.42 4.39 3.25
C LEU B 55 13.52 3.39 3.52
N GLY B 56 13.33 2.17 3.01
CA GLY B 56 14.41 1.24 3.08
C GLY B 56 14.50 0.53 4.40
N GLN B 57 13.42 0.55 5.17
CA GLN B 57 13.36 -0.04 6.50
C GLN B 57 12.96 -1.52 6.42
N GLU B 58 13.45 -2.31 7.37
CA GLU B 58 13.01 -3.69 7.54
C GLU B 58 12.31 -3.89 8.86
N ARG B 59 12.88 -3.35 9.92
CA ARG B 59 12.28 -3.48 11.24
C ARG B 59 11.60 -2.18 11.60
N ARG B 60 10.34 -2.28 12.02
CA ARG B 60 9.54 -1.10 12.38
C ARG B 60 10.29 -0.26 13.43
N ASN B 61 10.53 1.00 13.10
CA ASN B 61 11.19 1.97 14.00
C ASN B 61 12.59 1.56 14.43
N HIS B 62 13.27 0.81 13.57
CA HIS B 62 14.63 0.38 13.83
C HIS B 62 15.56 1.05 12.84
N SER B 63 16.61 1.70 13.35
CA SER B 63 17.60 2.37 12.50
C SER B 63 18.36 1.30 11.72
N CYS B 64 18.77 1.59 10.49
CA CYS B 64 19.44 0.53 9.76
C CYS B 64 20.33 1.14 8.69
N GLU B 65 21.23 0.34 8.12
CA GLU B 65 22.20 0.93 7.21
C GLU B 65 21.56 1.43 5.91
N PRO B 66 20.68 0.66 5.24
CA PRO B 66 20.05 1.17 4.01
C PRO B 66 18.97 2.21 4.25
N CYS B 67 18.50 2.36 5.50
CA CYS B 67 17.37 3.23 5.82
C CYS B 67 17.64 4.67 5.39
N GLN B 68 16.58 5.35 4.98
CA GLN B 68 16.69 6.76 4.68
C GLN B 68 15.49 7.48 5.28
N THR B 69 15.74 8.55 6.04
CA THR B 69 14.67 9.31 6.66
C THR B 69 14.44 10.59 5.88
N LEU B 70 13.18 11.02 5.82
CA LEU B 70 12.81 12.12 4.99
C LEU B 70 11.66 12.89 5.62
N ALA B 71 11.68 14.20 5.40
CA ALA B 71 10.53 15.01 5.75
C ALA B 71 9.53 14.98 4.60
N VAL B 72 8.34 15.46 4.91
CA VAL B 72 7.23 15.55 3.99
C VAL B 72 6.93 17.02 3.77
N ARG B 73 6.97 17.47 2.52
CA ARG B 73 6.73 18.88 2.25
C ARG B 73 5.24 19.20 2.18
N SER B 74 4.42 18.32 1.60
CA SER B 74 2.98 18.48 1.65
C SER B 74 2.34 17.11 1.37
N TYR B 75 1.01 17.04 1.51
CA TYR B 75 0.28 15.84 1.14
C TYR B 75 -1.14 16.19 0.76
N ARG B 76 -1.73 15.33 -0.06
CA ARG B 76 -3.09 15.55 -0.56
C ARG B 76 -3.97 14.34 -0.28
N LEU B 77 -5.06 14.54 0.44
CA LEU B 77 -6.09 13.50 0.55
C LEU B 77 -7.01 13.59 -0.65
N HIS B 78 -7.47 12.44 -1.16
CA HIS B 78 -8.44 12.51 -2.25
C HIS B 78 -9.64 13.34 -1.81
N GLU B 79 -10.05 14.30 -2.67
CA GLU B 79 -11.14 15.23 -2.35
C GLU B 79 -12.47 14.56 -2.02
N ALA B 80 -12.67 13.31 -2.45
CA ALA B 80 -13.93 12.60 -2.20
C ALA B 80 -13.78 11.49 -1.18
N PHE B 81 -12.64 11.41 -0.49
CA PHE B 81 -12.51 10.46 0.60
C PHE B 81 -13.66 10.62 1.59
N SER B 82 -14.22 9.48 2.04
CA SER B 82 -15.19 9.48 3.12
C SER B 82 -14.69 8.64 4.30
N PRO B 83 -14.54 9.21 5.49
CA PRO B 83 -14.17 8.40 6.66
C PRO B 83 -15.26 7.45 7.14
N VAL B 84 -16.40 7.38 6.47
CA VAL B 84 -17.47 6.47 6.85
C VAL B 84 -17.50 5.23 5.97
N SER B 85 -17.58 5.43 4.66
CA SER B 85 -17.51 4.37 3.66
C SER B 85 -16.10 3.93 3.33
N TYR B 86 -15.09 4.73 3.67
CA TYR B 86 -13.71 4.60 3.19
C TYR B 86 -13.61 4.54 1.68
N GLN B 87 -14.60 5.05 0.95
CA GLN B 87 -14.42 5.15 -0.50
C GLN B 87 -13.37 6.24 -0.80
N HIS B 88 -12.63 6.03 -1.90
CA HIS B 88 -11.61 7.00 -2.37
C HIS B 88 -10.51 7.13 -1.33
N ASP B 89 -10.07 5.99 -0.82
CA ASP B 89 -9.18 5.95 0.34
C ASP B 89 -7.73 5.97 -0.13
N LEU B 90 -7.28 7.15 -0.60
CA LEU B 90 -5.87 7.31 -0.97
C LEU B 90 -5.41 8.75 -0.76
N ALA B 91 -4.10 8.88 -0.61
CA ALA B 91 -3.47 10.17 -0.36
C ALA B 91 -2.04 10.13 -0.90
N LEU B 92 -1.55 11.30 -1.33
CA LEU B 92 -0.21 11.46 -1.86
C LEU B 92 0.64 12.22 -0.86
N LEU B 93 1.86 11.74 -0.64
CA LEU B 93 2.85 12.43 0.19
C LEU B 93 3.94 12.97 -0.73
N ARG B 94 4.15 14.29 -0.73
CA ARG B 94 5.26 14.89 -1.46
C ARG B 94 6.47 14.94 -0.54
N LEU B 95 7.49 14.19 -0.89
CA LEU B 95 8.70 14.19 -0.07
C LEU B 95 9.46 15.51 -0.27
N GLN B 96 10.20 15.90 0.76
CA GLN B 96 11.02 17.10 0.75
C GLN B 96 12.37 16.79 0.12
N GLU B 97 12.74 17.54 -0.91
CA GLU B 97 14.06 17.32 -1.47
C GLU B 97 15.16 17.99 -0.64
N ASP B 98 16.36 17.46 -0.75
CA ASP B 98 17.51 18.00 -0.08
C ASP B 98 18.15 19.08 -0.97
N ALA B 99 19.32 19.56 -0.60
CA ALA B 99 19.96 20.68 -1.29
C ALA B 99 20.37 20.33 -2.73
N ASP B 100 20.69 19.06 -2.98
CA ASP B 100 20.96 18.55 -4.31
C ASP B 100 19.70 18.38 -5.18
N GLY B 101 18.52 18.71 -4.65
CA GLY B 101 17.29 18.47 -5.39
C GLY B 101 16.83 17.03 -5.44
N SER B 102 17.36 16.16 -4.59
CA SER B 102 16.95 14.78 -4.51
C SER B 102 15.98 14.58 -3.35
N CYS B 103 15.01 13.68 -3.52
CA CYS B 103 14.22 13.18 -2.40
C CYS B 103 14.72 11.78 -2.06
N ALA B 104 14.01 10.74 -2.47
CA ALA B 104 14.52 9.39 -2.20
C ALA B 104 15.83 9.17 -2.94
N LEU B 105 16.78 8.55 -2.25
CA LEU B 105 18.09 8.23 -2.80
C LEU B 105 18.06 6.74 -3.13
N LEU B 106 17.88 6.42 -4.40
CA LEU B 106 17.58 5.06 -4.79
C LEU B 106 18.78 4.16 -4.60
N SER B 107 18.49 2.92 -4.33
CA SER B 107 19.50 1.90 -4.12
C SER B 107 18.77 0.56 -4.22
N PRO B 108 19.46 -0.55 -4.06
CA PRO B 108 18.77 -1.84 -4.13
C PRO B 108 17.67 -2.00 -3.08
N TYR B 109 17.70 -1.23 -1.99
CA TYR B 109 16.73 -1.35 -0.93
C TYR B 109 15.69 -0.26 -1.00
N VAL B 110 15.87 0.72 -1.88
CA VAL B 110 14.96 1.87 -1.99
C VAL B 110 14.74 2.14 -3.47
N GLN B 111 13.53 1.82 -3.97
CA GLN B 111 13.19 1.94 -5.39
C GLN B 111 11.68 2.10 -5.51
N PRO B 112 11.22 2.85 -6.51
CA PRO B 112 9.76 3.02 -6.68
C PRO B 112 9.11 1.73 -7.20
N VAL B 113 7.81 1.59 -6.94
CA VAL B 113 7.05 0.46 -7.50
C VAL B 113 6.33 0.96 -8.76
N CYS B 114 6.22 0.09 -9.77
CA CYS B 114 5.47 0.44 -10.98
C CYS B 114 4.00 0.64 -10.69
N LEU B 115 3.44 1.67 -11.28
CA LEU B 115 1.99 1.89 -11.23
C LEU B 115 1.28 0.88 -12.14
N PRO B 116 0.01 0.59 -11.83
CA PRO B 116 -0.85 -0.36 -12.53
C PRO B 116 -1.24 0.04 -13.95
N SER B 117 -1.40 -0.96 -14.80
CA SER B 117 -1.79 -0.76 -16.19
C SER B 117 -3.18 -0.15 -16.30
N GLY B 118 -4.10 -0.61 -15.47
CA GLY B 118 -5.48 -0.13 -15.47
C GLY B 118 -6.42 -0.61 -16.56
N ALA B 119 -5.99 -0.46 -17.81
CA ALA B 119 -6.79 -0.86 -18.96
C ALA B 119 -7.07 -2.35 -18.97
N ALA B 120 -6.07 -3.15 -18.60
CA ALA B 120 -6.24 -4.59 -18.59
C ALA B 120 -7.31 -5.01 -17.59
N ARG B 121 -8.16 -5.95 -17.98
CA ARG B 121 -9.23 -6.42 -17.12
C ARG B 121 -8.71 -7.23 -15.93
N PRO B 122 -9.29 -6.99 -14.74
CA PRO B 122 -8.93 -7.68 -13.51
C PRO B 122 -9.40 -9.12 -13.53
N SER B 123 -8.62 -10.04 -12.97
CA SER B 123 -9.00 -11.45 -12.95
C SER B 123 -8.82 -12.08 -11.57
N GLU B 124 -9.68 -13.06 -11.29
CA GLU B 124 -9.64 -13.80 -10.01
C GLU B 124 -8.33 -14.59 -9.88
N THR B 125 -7.85 -15.12 -11.00
CA THR B 125 -6.63 -15.91 -11.07
C THR B 125 -5.37 -15.15 -10.65
N THR B 126 -5.34 -13.84 -10.87
CA THR B 126 -4.18 -13.03 -10.51
C THR B 126 -3.87 -13.16 -9.02
N LEU B 127 -2.57 -13.27 -8.72
CA LEU B 127 -2.09 -13.43 -7.36
C LEU B 127 -1.33 -12.19 -6.90
N CYS B 128 -1.43 -11.86 -5.61
CA CYS B 128 -0.79 -10.68 -5.07
C CYS B 128 -0.10 -10.88 -3.73
N GLN B 129 0.87 -10.02 -3.47
CA GLN B 129 1.57 -9.97 -2.19
C GLN B 129 1.12 -8.75 -1.41
N VAL B 130 0.74 -8.96 -0.16
CA VAL B 130 0.38 -7.89 0.73
C VAL B 130 1.45 -7.87 1.81
N ALA B 131 1.77 -6.67 2.32
CA ALA B 131 2.92 -6.52 3.21
C ALA B 131 2.61 -5.47 4.27
N GLY B 132 3.24 -5.62 5.41
CA GLY B 132 3.02 -4.65 6.46
C GLY B 132 3.66 -5.06 7.77
N TRP B 133 3.56 -4.12 8.72
CA TRP B 133 4.11 -4.27 10.05
C TRP B 133 3.02 -4.38 11.11
N GLY B 134 1.78 -4.61 10.71
CA GLY B 134 0.66 -4.66 11.63
C GLY B 134 0.54 -5.98 12.37
N HIS B 135 -0.64 -6.20 12.95
CA HIS B 135 -0.90 -7.37 13.79
C HIS B 135 -0.80 -8.67 12.99
N GLN B 136 -0.04 -9.64 13.56
CA GLN B 136 0.17 -10.96 12.94
C GLN B 136 -0.95 -11.95 13.23
N PHE B 137 -1.92 -11.56 14.06
CA PHE B 137 -3.09 -12.34 14.35
C PHE B 137 -4.06 -11.38 15.02
N GLU B 138 -5.34 -11.72 15.03
CA GLU B 138 -6.27 -10.78 15.63
C GLU B 138 -6.22 -10.93 17.15
N GLY B 139 -6.41 -9.84 17.86
CA GLY B 139 -6.07 -9.81 19.25
C GLY B 139 -4.59 -9.69 19.56
N ALA B 140 -3.73 -9.62 18.54
CA ALA B 140 -2.31 -9.43 18.78
C ALA B 140 -2.06 -8.22 19.68
N GLU B 141 -1.02 -8.35 20.51
CA GLU B 141 -0.67 -7.33 21.51
C GLU B 141 0.06 -6.14 20.87
N GLU B 142 1.11 -6.42 20.11
CA GLU B 142 1.91 -5.37 19.49
C GLU B 142 1.86 -5.52 17.97
N TYR B 143 2.41 -4.51 17.34
CA TYR B 143 2.75 -4.55 15.92
C TYR B 143 3.98 -5.44 15.72
N ALA B 144 4.06 -6.07 14.55
CA ALA B 144 5.24 -6.85 14.17
C ALA B 144 6.47 -5.97 14.25
N SER B 145 7.62 -6.58 14.42
CA SER B 145 8.88 -5.85 14.27
C SER B 145 9.45 -6.00 12.87
N PHE B 146 9.59 -7.23 12.37
CA PHE B 146 10.02 -7.45 10.99
C PHE B 146 8.81 -7.33 10.06
N LEU B 147 9.07 -6.82 8.85
CA LEU B 147 8.01 -6.73 7.84
C LEU B 147 7.47 -8.12 7.47
N GLN B 148 6.16 -8.29 7.49
CA GLN B 148 5.56 -9.55 7.06
C GLN B 148 5.01 -9.34 5.67
N GLU B 149 5.07 -10.41 4.87
CA GLU B 149 4.32 -10.42 3.62
C GLU B 149 3.62 -11.77 3.45
N ALA B 150 2.51 -11.75 2.72
CA ALA B 150 1.73 -12.94 2.49
C ALA B 150 1.13 -12.87 1.10
N GLN B 151 0.91 -14.03 0.55
CA GLN B 151 0.39 -14.15 -0.80
C GLN B 151 -1.13 -14.31 -0.75
N VAL B 152 -1.86 -13.53 -1.57
CA VAL B 152 -3.33 -13.57 -1.55
C VAL B 152 -3.81 -13.44 -2.98
N PRO B 153 -4.89 -14.13 -3.35
CA PRO B 153 -5.42 -13.99 -4.70
C PRO B 153 -6.33 -12.78 -4.75
N PHE B 154 -6.33 -12.15 -5.92
CA PHE B 154 -7.29 -11.11 -6.26
C PHE B 154 -8.70 -11.68 -6.26
N LEU B 155 -9.67 -10.81 -5.98
CA LEU B 155 -11.06 -11.20 -5.88
C LEU B 155 -11.92 -10.23 -6.69
N SER B 156 -12.70 -10.77 -7.64
CA SER B 156 -13.51 -9.93 -8.52
C SER B 156 -14.56 -9.13 -7.73
N LEU B 157 -14.85 -7.94 -8.22
CA LEU B 157 -15.81 -7.08 -7.54
C LEU B 157 -17.18 -7.73 -7.49
N GLU B 158 -17.59 -8.39 -8.58
CA GLU B 158 -18.89 -9.06 -8.61
C GLU B 158 -18.98 -10.15 -7.56
N ARG B 159 -17.86 -10.73 -7.14
CA ARG B 159 -17.93 -11.76 -6.11
C ARG B 159 -17.66 -11.21 -4.73
N CYS B 160 -16.97 -10.06 -4.64
CA CYS B 160 -16.76 -9.40 -3.34
C CYS B 160 -18.02 -8.67 -2.89
N SER B 161 -18.69 -8.02 -3.84
CA SER B 161 -20.00 -7.39 -3.66
C SER B 161 -21.11 -8.37 -3.34
N ALA B 162 -20.91 -9.66 -3.58
CA ALA B 162 -22.02 -10.58 -3.43
C ALA B 162 -22.38 -10.66 -1.96
N PRO B 163 -23.63 -11.01 -1.64
CA PRO B 163 -24.15 -10.85 -0.26
C PRO B 163 -23.48 -11.75 0.75
N ASP B 164 -22.81 -12.81 0.32
CA ASP B 164 -22.10 -13.62 1.30
C ASP B 164 -20.74 -13.02 1.67
N VAL B 165 -20.18 -12.15 0.82
CA VAL B 165 -18.88 -11.54 1.06
C VAL B 165 -19.01 -10.24 1.84
N HIS B 166 -19.02 -9.10 1.14
CA HIS B 166 -19.16 -7.80 1.79
C HIS B 166 -20.37 -7.04 1.32
N GLY B 167 -20.97 -7.44 0.21
CA GLY B 167 -22.27 -6.91 -0.12
C GLY B 167 -22.17 -5.48 -0.61
N SER B 168 -23.18 -4.70 -0.24
CA SER B 168 -23.32 -3.30 -0.60
C SER B 168 -22.17 -2.42 -0.11
N SER B 169 -21.32 -2.91 0.78
CA SER B 169 -20.17 -2.14 1.31
C SER B 169 -19.08 -1.89 0.29
N ILE B 170 -19.07 -2.65 -0.82
CA ILE B 170 -18.01 -2.56 -1.80
C ILE B 170 -18.41 -1.55 -2.85
N LEU B 171 -17.63 -0.46 -2.96
CA LEU B 171 -18.00 0.62 -3.86
C LEU B 171 -16.99 0.79 -4.98
N PRO B 172 -17.34 1.55 -6.03
CA PRO B 172 -16.35 1.95 -7.02
C PRO B 172 -15.06 2.55 -6.42
N GLY B 173 -13.94 2.07 -6.92
CA GLY B 173 -12.65 2.44 -6.39
C GLY B 173 -12.10 1.45 -5.41
N MET B 174 -12.89 0.48 -4.96
CA MET B 174 -12.37 -0.53 -4.07
C MET B 174 -12.10 -1.85 -4.81
N LEU B 175 -11.33 -2.72 -4.14
CA LEU B 175 -10.95 -4.00 -4.72
C LEU B 175 -10.70 -4.95 -3.55
N CYS B 176 -10.87 -6.25 -3.78
CA CYS B 176 -10.68 -7.20 -2.70
C CYS B 176 -9.64 -8.24 -3.07
N ALA B 177 -9.06 -8.80 -2.04
CA ALA B 177 -8.06 -9.81 -2.27
C ALA B 177 -8.07 -10.67 -1.04
N GLY B 178 -7.99 -11.97 -1.24
CA GLY B 178 -7.77 -12.90 -0.14
C GLY B 178 -8.63 -14.11 -0.30
N PHE B 179 -8.42 -15.08 0.56
CA PHE B 179 -9.15 -16.34 0.46
C PHE B 179 -10.51 -16.21 1.15
N LEU B 180 -11.59 -16.46 0.41
CA LEU B 180 -12.88 -16.62 1.08
C LEU B 180 -12.77 -17.63 2.24
N GLU B 181 -11.87 -18.61 2.14
CA GLU B 181 -11.60 -19.52 3.26
C GLU B 181 -10.98 -18.82 4.46
N GLY B 182 -10.38 -17.65 4.31
CA GLY B 182 -9.73 -16.98 5.43
C GLY B 182 -8.28 -17.39 5.58
N GLY B 183 -7.69 -16.96 6.70
CA GLY B 183 -6.33 -17.36 6.99
C GLY B 183 -5.24 -16.38 6.59
N THR B 184 -5.34 -15.71 5.44
CA THR B 184 -4.29 -14.82 4.95
C THR B 184 -4.85 -13.41 4.73
N ASP B 185 -4.27 -12.42 5.40
CA ASP B 185 -4.91 -11.12 5.28
C ASP B 185 -4.01 -10.05 5.89
N ALA B 186 -4.24 -8.80 5.47
CA ALA B 186 -3.76 -7.65 6.20
C ALA B 186 -4.68 -7.38 7.40
N CYS B 187 -4.14 -6.71 8.40
CA CYS B 187 -4.82 -6.47 9.66
C CYS B 187 -4.54 -5.06 10.14
N GLN B 188 -5.18 -4.69 11.25
CA GLN B 188 -4.91 -3.43 11.92
C GLN B 188 -3.40 -3.22 12.07
N GLY B 189 -2.97 -2.00 11.76
CA GLY B 189 -1.57 -1.61 11.78
C GLY B 189 -0.93 -1.79 10.41
N ASP B 190 -1.71 -2.32 9.46
CA ASP B 190 -1.27 -2.53 8.09
C ASP B 190 -1.80 -1.45 7.16
N SER B 191 -2.41 -0.41 7.71
CA SER B 191 -3.00 0.65 6.90
C SER B 191 -1.96 1.35 6.03
N GLY B 192 -2.35 1.61 4.79
CA GLY B 192 -1.48 2.25 3.81
C GLY B 192 -0.53 1.31 3.10
N GLY B 193 -0.65 0.02 3.38
CA GLY B 193 0.18 -1.00 2.79
C GLY B 193 -0.07 -1.21 1.31
N PRO B 194 0.98 -1.60 0.58
CA PRO B 194 0.91 -1.85 -0.86
C PRO B 194 0.51 -3.28 -1.20
N LEU B 195 -0.42 -3.43 -2.14
CA LEU B 195 -0.85 -4.74 -2.58
C LEU B 195 -0.21 -4.79 -3.96
N VAL B 196 0.69 -5.73 -4.16
CA VAL B 196 1.42 -5.83 -5.41
C VAL B 196 1.00 -7.15 -6.09
N CYS B 197 0.56 -7.05 -7.34
CA CYS B 197 -0.12 -8.16 -8.00
C CYS B 197 0.50 -8.44 -9.34
N GLU B 198 0.45 -9.70 -9.73
CA GLU B 198 0.98 -10.12 -11.02
C GLU B 198 0.27 -9.40 -12.15
N ASP B 199 1.05 -8.93 -13.12
CA ASP B 199 0.54 -8.24 -14.29
C ASP B 199 1.32 -8.84 -15.47
N GLN B 200 0.64 -9.72 -16.21
CA GLN B 200 1.26 -10.52 -17.26
C GLN B 200 1.76 -9.63 -18.41
N ALA B 201 1.09 -8.50 -18.63
CA ALA B 201 1.36 -7.54 -19.70
C ALA B 201 2.45 -6.53 -19.33
N ALA B 202 2.96 -6.55 -18.10
CA ALA B 202 3.97 -5.60 -17.63
C ALA B 202 5.37 -6.20 -17.79
N GLU B 203 6.34 -5.31 -18.07
CA GLU B 203 7.74 -5.73 -18.23
C GLU B 203 8.31 -6.30 -16.92
N ARG B 204 7.96 -5.68 -15.77
CA ARG B 204 8.36 -6.20 -14.46
C ARG B 204 7.45 -7.32 -13.96
N ARG B 205 6.29 -7.53 -14.61
CA ARG B 205 5.31 -8.55 -14.29
C ARG B 205 4.61 -8.31 -12.95
N LEU B 206 4.84 -7.16 -12.31
CA LEU B 206 4.43 -6.87 -10.92
C LEU B 206 4.14 -5.39 -10.78
N THR B 207 2.91 -5.06 -10.39
CA THR B 207 2.52 -3.67 -10.23
C THR B 207 1.75 -3.47 -8.93
N LEU B 208 1.78 -2.22 -8.46
CA LEU B 208 1.00 -1.79 -7.30
C LEU B 208 -0.46 -1.74 -7.69
N GLN B 209 -1.27 -2.63 -7.13
CA GLN B 209 -2.68 -2.63 -7.51
C GLN B 209 -3.63 -2.31 -6.38
N GLY B 210 -3.19 -2.34 -5.13
CA GLY B 210 -4.05 -1.96 -4.03
C GLY B 210 -3.30 -1.20 -2.94
N ILE B 211 -4.08 -0.44 -2.18
CA ILE B 211 -3.62 0.19 -0.95
C ILE B 211 -4.45 -0.40 0.17
N ILE B 212 -3.79 -0.89 1.23
CA ILE B 212 -4.49 -1.52 2.34
C ILE B 212 -5.45 -0.50 2.98
N SER B 213 -6.73 -0.81 2.94
CA SER B 213 -7.79 0.10 3.36
C SER B 213 -8.55 -0.45 4.57
N TRP B 214 -9.31 -1.52 4.41
CA TRP B 214 -10.12 -2.02 5.52
C TRP B 214 -10.51 -3.49 5.34
N GLY B 215 -11.10 -4.04 6.39
CA GLY B 215 -11.69 -5.37 6.35
C GLY B 215 -12.55 -5.59 7.58
N SER B 216 -12.75 -6.86 7.95
CA SER B 216 -13.46 -7.16 9.21
C SER B 216 -12.73 -8.28 9.93
N GLY B 217 -11.81 -7.92 10.81
CA GLY B 217 -11.23 -8.94 11.65
C GLY B 217 -10.15 -9.72 10.94
N CYS B 218 -8.99 -9.76 11.59
CA CYS B 218 -7.75 -10.32 11.04
C CYS B 218 -7.97 -11.74 10.52
N GLY B 219 -8.15 -11.87 9.20
CA GLY B 219 -8.14 -13.15 8.52
C GLY B 219 -9.36 -14.04 8.71
N ASP B 220 -10.47 -13.49 9.21
CA ASP B 220 -11.66 -14.30 9.47
C ASP B 220 -12.17 -14.97 8.19
N ARG B 221 -12.97 -16.03 8.39
CA ARG B 221 -13.56 -16.77 7.27
C ARG B 221 -14.56 -15.92 6.49
N ASN B 222 -14.52 -16.07 5.16
CA ASN B 222 -15.43 -15.46 4.19
C ASN B 222 -15.27 -13.94 4.07
N LYS B 223 -14.19 -13.37 4.62
CA LYS B 223 -13.98 -11.92 4.71
C LYS B 223 -12.62 -11.49 4.17
N PRO B 224 -12.52 -11.30 2.86
CA PRO B 224 -11.27 -10.76 2.29
C PRO B 224 -11.04 -9.30 2.69
N GLY B 225 -9.77 -8.88 2.59
CA GLY B 225 -9.44 -7.50 2.83
C GLY B 225 -9.93 -6.62 1.68
N VAL B 226 -10.25 -5.36 2.02
CA VAL B 226 -10.70 -4.39 1.03
C VAL B 226 -9.57 -3.39 0.82
N TYR B 227 -9.26 -3.11 -0.44
CA TYR B 227 -8.13 -2.30 -0.84
C TYR B 227 -8.63 -1.18 -1.73
N THR B 228 -7.91 -0.09 -1.74
CA THR B 228 -8.13 0.92 -2.76
C THR B 228 -7.59 0.44 -4.10
N ASP B 229 -8.42 0.53 -5.13
CA ASP B 229 -8.08 0.06 -6.48
C ASP B 229 -7.23 1.13 -7.18
N VAL B 230 -5.92 0.93 -7.23
CA VAL B 230 -4.98 1.97 -7.66
C VAL B 230 -5.21 2.32 -9.13
N ALA B 231 -5.45 1.29 -9.97
CA ALA B 231 -5.75 1.48 -11.40
C ALA B 231 -6.95 2.39 -11.62
N TYR B 232 -7.91 2.36 -10.70
CA TYR B 232 -9.06 3.24 -10.83
C TYR B 232 -8.68 4.70 -10.76
N TYR B 233 -7.54 5.01 -10.14
CA TYR B 233 -7.18 6.40 -9.80
C TYR B 233 -5.95 6.89 -10.58
N LEU B 234 -5.60 6.24 -11.69
CA LEU B 234 -4.39 6.63 -12.42
C LEU B 234 -4.43 8.10 -12.80
N ALA B 235 -5.55 8.55 -13.35
CA ALA B 235 -5.64 9.93 -13.83
C ALA B 235 -5.46 10.92 -12.68
N TRP B 236 -6.04 10.59 -11.53
CA TRP B 236 -5.90 11.44 -10.36
C TRP B 236 -4.45 11.49 -9.90
N ILE B 237 -3.78 10.34 -9.91
CA ILE B 237 -2.38 10.25 -9.49
C ILE B 237 -1.46 11.00 -10.47
N ARG B 238 -1.64 10.79 -11.79
CA ARG B 238 -0.89 11.56 -12.78
C ARG B 238 -1.13 13.05 -12.60
N GLU B 239 -2.39 13.44 -12.43
CA GLU B 239 -2.71 14.86 -12.36
C GLU B 239 -2.12 15.54 -11.12
N HIS B 240 -2.20 14.90 -9.96
CA HIS B 240 -1.70 15.55 -8.76
C HIS B 240 -0.27 15.14 -8.44
N THR B 241 0.41 14.51 -9.39
CA THR B 241 1.79 14.10 -9.22
C THR B 241 2.74 14.87 -10.12
N VAL B 242 2.23 15.56 -11.13
CA VAL B 242 2.98 16.64 -11.76
C VAL B 242 3.33 17.69 -10.70
N SER B 243 2.31 18.29 -10.09
CA SER B 243 2.43 19.10 -8.87
C SER B 243 3.85 19.59 -8.54
C1 NAG C . 10.84 6.05 14.78
C2 NAG C . 11.74 6.70 13.73
C3 NAG C . 12.20 8.10 14.13
C4 NAG C . 11.01 8.92 14.61
C5 NAG C . 10.29 8.17 15.71
C6 NAG C . 9.14 8.99 16.28
C7 NAG C . 12.93 4.85 12.68
C8 NAG C . 11.59 4.31 12.28
N2 NAG C . 12.92 5.88 13.52
O3 NAG C . 12.80 8.74 13.01
O4 NAG C . 10.82 10.26 15.06
O5 NAG C . 9.80 6.93 15.19
O6 NAG C . 8.35 9.53 15.22
O7 NAG C . 13.97 4.38 12.26
C1 NAG C . 10.95 11.47 14.30
C2 NAG C . 10.70 12.67 15.19
C3 NAG C . 11.01 13.98 14.49
C4 NAG C . 12.38 13.93 13.84
C5 NAG C . 12.47 12.70 12.96
C6 NAG C . 13.84 12.62 12.27
C7 NAG C . 8.93 12.15 16.79
C8 NAG C . 7.50 11.73 16.88
N2 NAG C . 9.30 12.68 15.63
O3 NAG C . 10.97 15.05 15.44
O5 NAG C . 12.26 11.52 13.72
O6 NAG C . 14.01 13.77 11.43
O7 NAG C . 9.71 12.01 17.72
B14 CWV D . -4.42 1.11 10.28
C02 CWV D . -8.19 -6.08 6.53
C04 CWV D . -9.03 -7.27 8.33
C05 CWV D . -8.76 -6.21 9.18
C06 CWV D . -8.17 -5.01 8.67
C07 CWV D . -7.89 -3.91 9.53
C08 CWV D . -7.31 -2.75 8.99
C09 CWV D . -7.04 -1.69 9.84
C10 CWV D . -7.88 -1.44 10.91
C11 CWV D . -7.62 -0.39 11.77
C12 CWV D . -6.51 0.41 11.55
C13 CWV D . -5.67 0.18 10.49
C17 CWV D . -5.92 -0.88 9.63
C18 CWV D . -7.02 -2.69 7.64
C19 CWV D . -7.30 -3.76 6.80
C20 CWV D . -7.88 -4.95 7.34
N01 CWV D . -7.90 -6.03 5.11
N03 CWV D . -8.74 -7.17 7.04
O15 CWV D . -3.20 0.68 10.62
O16 CWV D . -4.62 2.44 10.25
H041 CWV D . -9.42 -8.04 8.66
H051 CWV D . -8.96 -6.27 10.08
H071 CWV D . -8.08 -3.96 10.42
H101 CWV D . -8.62 -1.99 11.04
H111 CWV D . -8.19 -0.22 12.47
H121 CWV D . -6.34 1.13 12.13
H171 CWV D . -5.36 -1.05 8.91
H181 CWV D . -6.63 -1.92 7.28
H191 CWV D . -7.10 -3.72 5.89
H011 CWV D . -7.86 -6.77 4.66
H012 CWV D . -7.77 -5.27 4.71
H151 CWV D . -2.80 1.27 11.06
H161 CWV D . -4.24 2.79 10.90
I IOD E . -21.51 4.91 -5.31
I IOD F . 0.83 17.35 -2.30
S SO4 G . 8.41 -10.19 14.66
O1 SO4 G . 7.94 -9.42 15.84
O2 SO4 G . 7.46 -11.26 14.35
O3 SO4 G . 8.50 -9.29 13.51
O4 SO4 G . 9.73 -10.76 14.91
S SO4 H . 6.18 2.90 15.96
O1 SO4 H . 5.00 2.18 15.46
O2 SO4 H . 6.58 2.28 17.23
O3 SO4 H . 7.33 2.87 15.08
O4 SO4 H . 5.79 4.31 16.15
S SO4 I . -7.84 -6.80 12.80
O1 SO4 I . -7.24 -7.16 14.09
O2 SO4 I . -9.15 -7.44 12.59
O3 SO4 I . -6.95 -7.31 11.75
O4 SO4 I . -7.99 -5.34 12.74
C1 GOL J . 16.92 -4.60 10.71
O1 GOL J . 17.67 -3.39 10.74
C2 GOL J . 17.79 -5.69 10.08
O2 GOL J . 18.41 -5.18 8.90
C3 GOL J . 16.91 -6.88 9.71
O3 GOL J . 17.56 -7.67 8.72
#